data_8B50
#
_entry.id   8B50
#
_cell.length_a   70.914
_cell.length_b   70.914
_cell.length_c   91.043
_cell.angle_alpha   90.000
_cell.angle_beta   90.000
_cell.angle_gamma   120.000
#
_symmetry.space_group_name_H-M   'P 31'
#
loop_
_entity.id
_entity.type
_entity.pdbx_description
1 polymer 'Fab fragment K12F9-22 - heavy chain'
2 polymer 'Fab fragment K12F9-22 - light chain'
3 non-polymer '(2~{S})-2-azanyl-3-(7-oxidanyl-2-oxidanylidene-chromen-4-yl)propanoic acid'
4 non-polymer GLYCEROL
5 water water
#
loop_
_entity_poly.entity_id
_entity_poly.type
_entity_poly.pdbx_seq_one_letter_code
_entity_poly.pdbx_strand_id
1 'polypeptide(L)'
;EVKLQQSGAELVKPGASVKLSCTASGFNIKDTYIHWVKQRPGQGLEWIGRINSATGLVKYDPKFQGKATITVDMYSNIAY
LRLTSLTSEDTAVYYCGRWTFPRYFDLWGAGTTVTVSSASTKGPSVFPLAPSSKSTSGGTAALGCLVKDYFPEPVTVSWN
SGALTSGVHTFPAVLQSSGLYSLSSVVTVPSSSLGTQTYICNVNHKPSNTKVDKKVEPKSCHHHHHH
;
H
2 'polypeptide(L)'
;DIELTQSPSSVPVTLGESVSISCRSSTSLLHSSGKHRLYWFLQRPGQSPQLLIYYVSNLASGVSDRFSGSGSGTDFTLRI
SRVEAGDFGVYYCLQSLEYPFTFGSGTKLEIKRTVAAPSVFIFPPSDEQLKSGTASVVCLLNNFYPREAKVQWKVDNALQ
SGNSQESVTEQDSKDSTYSLSSTLTLSKADYEKHKVYACEVTHQGLSSPVTKSFNRGEC
;
L
#
loop_
_chem_comp.id
_chem_comp.type
_chem_comp.name
_chem_comp.formula
GOL non-polymer GLYCEROL 'C3 H8 O3'
P0M non-polymer '(2~{S})-2-azanyl-3-(7-oxidanyl-2-oxidanylidene-chromen-4-yl)propanoic acid' 'C12 H11 N O5'
#
# COMPACT_ATOMS: atom_id res chain seq x y z
N GLU A 1 -16.85 16.62 -1.44
CA GLU A 1 -16.62 17.75 -2.35
C GLU A 1 -15.30 18.46 -1.94
N VAL A 2 -14.97 18.58 -0.65
CA VAL A 2 -13.64 19.13 -0.24
C VAL A 2 -12.59 18.07 -0.54
N LYS A 3 -11.44 18.47 -1.07
CA LYS A 3 -10.39 17.54 -1.53
C LYS A 3 -9.02 18.18 -1.47
N LEU A 4 -7.98 17.38 -1.14
CA LEU A 4 -6.57 17.75 -1.35
C LEU A 4 -5.98 16.85 -2.44
N GLN A 5 -5.49 17.43 -3.52
CA GLN A 5 -4.92 16.66 -4.65
C GLN A 5 -3.41 16.89 -4.66
N GLN A 6 -2.65 15.82 -4.43
CA GLN A 6 -1.17 15.85 -4.43
C GLN A 6 -0.61 15.57 -5.82
N SER A 7 0.58 16.09 -6.07
CA SER A 7 1.36 15.97 -7.33
C SER A 7 1.80 14.50 -7.52
N GLY A 8 2.19 14.16 -8.75
CA GLY A 8 2.55 12.79 -9.16
C GLY A 8 3.89 12.35 -8.60
N ALA A 9 4.12 11.03 -8.59
CA ALA A 9 5.39 10.39 -8.18
C ALA A 9 6.60 11.00 -8.91
N GLU A 10 7.74 11.09 -8.25
CA GLU A 10 8.96 11.76 -8.75
C GLU A 10 10.17 10.85 -8.51
N LEU A 11 11.01 10.68 -9.54
CA LEU A 11 12.37 10.09 -9.47
C LEU A 11 13.37 11.24 -9.55
N VAL A 12 14.23 11.41 -8.54
CA VAL A 12 15.09 12.63 -8.43
C VAL A 12 16.51 12.20 -8.05
N LYS A 13 17.53 12.91 -8.53
CA LYS A 13 18.96 12.51 -8.37
C LYS A 13 19.43 12.87 -6.97
N PRO A 14 20.36 12.07 -6.39
CA PRO A 14 21.03 12.50 -5.15
C PRO A 14 21.67 13.88 -5.33
N GLY A 15 21.54 14.76 -4.31
CA GLY A 15 22.08 16.13 -4.28
C GLY A 15 21.12 17.16 -4.87
N ALA A 16 20.11 16.73 -5.61
CA ALA A 16 19.16 17.63 -6.31
C ALA A 16 18.07 18.09 -5.33
N SER A 17 17.07 18.81 -5.84
CA SER A 17 15.92 19.32 -5.07
CA SER A 17 15.91 19.27 -5.05
C SER A 17 14.62 18.90 -5.75
N VAL A 18 13.54 18.85 -4.99
CA VAL A 18 12.20 18.61 -5.54
C VAL A 18 11.18 19.45 -4.78
N LYS A 19 10.12 19.82 -5.45
CA LYS A 19 9.02 20.62 -4.86
C LYS A 19 7.70 19.93 -5.15
N LEU A 20 7.04 19.47 -4.08
CA LEU A 20 5.75 18.75 -4.13
C LEU A 20 4.60 19.71 -3.89
N SER A 21 3.46 19.51 -4.55
CA SER A 21 2.27 20.39 -4.40
C SER A 21 1.11 19.62 -3.76
N CYS A 22 0.21 20.37 -3.16
CA CYS A 22 -0.99 19.95 -2.43
C CYS A 22 -2.09 20.97 -2.73
N THR A 23 -3.04 20.63 -3.60
CA THR A 23 -4.01 21.58 -4.18
C THR A 23 -5.37 21.39 -3.48
N ALA A 24 -5.91 22.46 -2.88
CA ALA A 24 -7.25 22.44 -2.23
C ALA A 24 -8.31 22.70 -3.29
N SER A 25 -9.42 21.97 -3.21
CA SER A 25 -10.64 22.27 -3.98
C SER A 25 -11.85 22.12 -3.05
N GLY A 26 -12.88 22.94 -3.24
CA GLY A 26 -14.12 22.91 -2.44
C GLY A 26 -14.00 23.70 -1.15
N PHE A 27 -12.87 24.39 -0.94
CA PHE A 27 -12.63 25.25 0.26
C PHE A 27 -11.46 26.19 -0.05
N ASN A 28 -11.29 27.24 0.74
CA ASN A 28 -10.17 28.20 0.61
C ASN A 28 -9.06 27.73 1.53
N ILE A 29 -7.91 27.42 0.95
CA ILE A 29 -6.76 26.88 1.74
C ILE A 29 -6.38 27.88 2.83
N LYS A 30 -6.55 29.19 2.60
CA LYS A 30 -6.13 30.22 3.59
C LYS A 30 -6.85 30.03 4.94
N ASP A 31 -7.98 29.32 5.00
CA ASP A 31 -8.77 29.08 6.24
C ASP A 31 -8.29 27.85 7.03
N THR A 32 -7.15 27.25 6.68
CA THR A 32 -6.67 25.96 7.22
C THR A 32 -5.17 26.03 7.53
N TYR A 33 -4.76 25.25 8.51
CA TYR A 33 -3.33 24.90 8.68
C TYR A 33 -3.02 23.68 7.81
N ILE A 34 -1.90 23.71 7.08
CA ILE A 34 -1.48 22.53 6.26
C ILE A 34 -0.26 21.83 6.88
N HIS A 35 -0.44 20.53 7.16
CA HIS A 35 0.58 19.62 7.75
C HIS A 35 1.20 18.74 6.67
N TRP A 36 2.52 18.51 6.77
CA TRP A 36 3.25 17.54 5.93
C TRP A 36 3.81 16.38 6.76
N VAL A 37 3.62 15.15 6.28
CA VAL A 37 3.99 13.92 7.04
C VAL A 37 4.80 13.04 6.07
N LYS A 38 5.89 12.46 6.53
CA LYS A 38 6.78 11.57 5.74
C LYS A 38 6.59 10.11 6.20
N GLN A 39 6.65 9.17 5.26
CA GLN A 39 6.63 7.73 5.61
C GLN A 39 7.62 6.99 4.70
N ARG A 40 8.77 6.61 5.25
CA ARG A 40 9.74 5.81 4.48
C ARG A 40 9.15 4.41 4.27
N PRO A 41 9.55 3.70 3.20
CA PRO A 41 8.97 2.38 2.89
C PRO A 41 9.03 1.44 4.10
N GLY A 42 7.85 0.93 4.50
CA GLY A 42 7.73 -0.02 5.62
C GLY A 42 7.94 0.60 6.99
N GLN A 43 8.02 1.92 7.11
CA GLN A 43 8.25 2.57 8.42
C GLN A 43 7.02 3.38 8.85
N GLY A 44 7.15 4.09 9.97
CA GLY A 44 6.01 4.78 10.59
C GLY A 44 5.85 6.19 10.05
N LEU A 45 4.84 6.89 10.53
CA LEU A 45 4.61 8.31 10.12
C LEU A 45 5.58 9.22 10.89
N GLU A 46 6.09 10.26 10.20
CA GLU A 46 7.04 11.25 10.75
CA GLU A 46 7.01 11.26 10.78
C GLU A 46 6.45 12.66 10.49
N TRP A 47 6.21 13.44 11.53
CA TRP A 47 5.71 14.83 11.34
C TRP A 47 6.87 15.70 10.86
N ILE A 48 6.69 16.41 9.75
CA ILE A 48 7.72 17.31 9.16
C ILE A 48 7.50 18.73 9.69
N GLY A 49 6.30 19.25 9.46
CA GLY A 49 5.94 20.60 9.91
C GLY A 49 4.54 20.97 9.53
N ARG A 50 4.16 22.22 9.79
CA ARG A 50 2.80 22.71 9.44
C ARG A 50 2.87 24.22 9.22
N ILE A 51 2.11 24.68 8.25
CA ILE A 51 2.03 26.09 7.86
C ILE A 51 0.62 26.60 8.20
N ASN A 52 0.56 27.81 8.77
CA ASN A 52 -0.72 28.56 8.89
C ASN A 52 -0.94 29.19 7.53
N SER A 53 -1.89 28.67 6.73
CA SER A 53 -2.10 29.16 5.34
C SER A 53 -2.46 30.65 5.34
N ALA A 54 -3.07 31.20 6.39
CA ALA A 54 -3.52 32.62 6.40
C ALA A 54 -2.32 33.57 6.61
N THR A 55 -1.24 33.12 7.27
CA THR A 55 -0.09 34.00 7.68
C THR A 55 1.24 33.58 7.04
N GLY A 56 1.34 32.38 6.47
CA GLY A 56 2.64 31.88 5.97
C GLY A 56 3.60 31.36 7.04
N LEU A 57 3.27 31.42 8.34
CA LEU A 57 4.28 31.03 9.36
C LEU A 57 4.27 29.51 9.55
N VAL A 58 5.44 28.93 9.74
CA VAL A 58 5.62 27.45 9.76
C VAL A 58 6.28 27.04 11.09
N LYS A 59 5.86 25.91 11.62
CA LYS A 59 6.58 25.14 12.65
C LYS A 59 7.20 23.91 11.99
N TYR A 60 8.46 23.61 12.33
CA TYR A 60 9.16 22.40 11.79
C TYR A 60 9.62 21.46 12.90
N ASP A 61 9.63 20.15 12.64
CA ASP A 61 10.49 19.25 13.42
C ASP A 61 11.93 19.59 13.08
N PRO A 62 12.77 20.01 14.07
CA PRO A 62 14.15 20.40 13.78
C PRO A 62 15.01 19.35 13.11
N LYS A 63 14.65 18.06 13.18
CA LYS A 63 15.33 16.97 12.43
C LYS A 63 15.40 17.27 10.94
N PHE A 64 14.52 18.15 10.40
CA PHE A 64 14.38 18.50 8.96
C PHE A 64 14.75 19.95 8.64
N GLN A 65 15.06 20.78 9.63
CA GLN A 65 15.47 22.19 9.32
C GLN A 65 16.72 22.13 8.42
N GLY A 66 16.72 22.94 7.36
CA GLY A 66 17.80 22.97 6.36
C GLY A 66 17.60 21.93 5.26
N LYS A 67 16.56 21.10 5.32
CA LYS A 67 16.18 20.28 4.14
C LYS A 67 14.75 20.58 3.70
N ALA A 68 13.81 20.79 4.62
CA ALA A 68 12.37 20.96 4.27
C ALA A 68 11.93 22.42 4.40
N THR A 69 11.19 22.91 3.39
CA THR A 69 10.58 24.28 3.37
C THR A 69 9.13 24.16 2.92
N ILE A 70 8.20 24.53 3.80
CA ILE A 70 6.75 24.53 3.48
C ILE A 70 6.37 25.95 3.09
N THR A 71 5.61 26.07 2.00
CA THR A 71 5.07 27.37 1.54
C THR A 71 3.62 27.20 1.15
N VAL A 72 2.95 28.34 0.92
CA VAL A 72 1.54 28.36 0.47
C VAL A 72 1.35 29.52 -0.50
N ASP A 73 0.58 29.26 -1.57
CA ASP A 73 0.07 30.28 -2.50
C ASP A 73 -1.42 30.40 -2.19
N MET A 74 -1.78 31.44 -1.43
CA MET A 74 -3.17 31.71 -0.94
CA MET A 74 -3.18 31.62 -0.94
C MET A 74 -4.10 31.84 -2.14
N TYR A 75 -3.61 32.51 -3.20
CA TYR A 75 -4.40 32.88 -4.41
C TYR A 75 -4.73 31.63 -5.24
N SER A 76 -3.75 30.76 -5.44
CA SER A 76 -3.89 29.56 -6.32
C SER A 76 -4.41 28.36 -5.54
N ASN A 77 -4.51 28.46 -4.21
CA ASN A 77 -5.10 27.40 -3.34
C ASN A 77 -4.15 26.21 -3.23
N ILE A 78 -2.84 26.43 -3.27
CA ILE A 78 -1.82 25.35 -3.30
C ILE A 78 -0.79 25.54 -2.17
N ALA A 79 -0.55 24.48 -1.42
CA ALA A 79 0.60 24.37 -0.48
C ALA A 79 1.70 23.54 -1.12
N TYR A 80 2.94 23.75 -0.69
CA TYR A 80 4.14 23.10 -1.26
C TYR A 80 5.10 22.65 -0.17
N LEU A 81 5.82 21.56 -0.47
CA LEU A 81 6.97 21.09 0.35
C LEU A 81 8.19 21.01 -0.57
N ARG A 82 9.26 21.75 -0.26
CA ARG A 82 10.53 21.70 -1.04
C ARG A 82 11.59 21.01 -0.19
N LEU A 83 12.22 19.99 -0.76
CA LEU A 83 13.31 19.21 -0.14
C LEU A 83 14.59 19.46 -0.95
N THR A 84 15.70 19.77 -0.28
CA THR A 84 17.02 20.04 -0.90
C THR A 84 18.04 18.98 -0.47
N SER A 85 19.17 18.89 -1.18
CA SER A 85 20.31 17.99 -0.88
C SER A 85 19.79 16.57 -0.66
N LEU A 86 19.05 16.05 -1.64
CA LEU A 86 18.34 14.76 -1.49
C LEU A 86 19.34 13.61 -1.30
N THR A 87 18.99 12.71 -0.40
CA THR A 87 19.73 11.46 -0.16
C THR A 87 18.71 10.33 -0.18
N SER A 88 19.19 9.09 -0.10
CA SER A 88 18.32 7.89 -0.08
C SER A 88 17.41 7.90 1.17
N GLU A 89 17.78 8.61 2.25
CA GLU A 89 16.93 8.71 3.46
C GLU A 89 15.66 9.51 3.15
N ASP A 90 15.62 10.26 2.04
CA ASP A 90 14.46 11.08 1.61
C ASP A 90 13.52 10.31 0.69
N THR A 91 13.88 9.11 0.21
CA THR A 91 12.93 8.21 -0.46
C THR A 91 11.77 7.92 0.51
N ALA A 92 10.53 8.22 0.14
CA ALA A 92 9.37 8.10 1.04
C ALA A 92 8.10 8.53 0.30
N VAL A 93 6.98 8.28 0.91
CA VAL A 93 5.68 8.92 0.57
C VAL A 93 5.51 10.14 1.47
N TYR A 94 5.14 11.26 0.88
CA TYR A 94 4.85 12.53 1.59
C TYR A 94 3.36 12.80 1.49
N TYR A 95 2.70 12.91 2.64
CA TYR A 95 1.26 13.26 2.73
C TYR A 95 1.09 14.72 3.14
N CYS A 96 0.12 15.41 2.56
CA CYS A 96 -0.41 16.69 3.10
C CYS A 96 -1.79 16.49 3.73
N GLY A 97 -2.09 17.24 4.79
CA GLY A 97 -3.36 17.15 5.52
C GLY A 97 -3.71 18.50 6.11
N ARG A 98 -4.99 18.82 6.16
CA ARG A 98 -5.47 20.11 6.72
C ARG A 98 -5.85 19.94 8.20
N TRP A 99 -5.77 21.05 8.94
CA TRP A 99 -6.35 21.15 10.29
C TRP A 99 -7.11 22.47 10.42
N THR A 100 -8.30 22.40 11.01
CA THR A 100 -9.11 23.60 11.39
C THR A 100 -9.61 23.42 12.83
N PHE A 101 -9.98 24.53 13.45
CA PHE A 101 -10.49 24.48 14.84
C PHE A 101 -11.75 23.63 14.90
N PRO A 102 -12.73 23.72 13.97
CA PRO A 102 -13.94 22.90 14.09
C PRO A 102 -13.83 21.42 13.69
N ARG A 103 -12.92 21.08 12.77
CA ARG A 103 -12.92 19.71 12.15
C ARG A 103 -11.61 18.94 12.38
N TYR A 104 -10.60 19.55 12.99
CA TYR A 104 -9.33 18.85 13.36
C TYR A 104 -8.68 18.31 12.08
N PHE A 105 -8.08 17.13 12.14
CA PHE A 105 -7.39 16.50 10.98
C PHE A 105 -8.41 15.71 10.16
N ASP A 106 -9.23 16.37 9.37
CA ASP A 106 -10.38 15.68 8.70
C ASP A 106 -10.14 15.42 7.20
N LEU A 107 -8.95 15.68 6.67
CA LEU A 107 -8.77 15.64 5.20
C LEU A 107 -7.29 15.51 4.85
N TRP A 108 -6.98 14.49 4.04
CA TRP A 108 -5.60 14.20 3.57
C TRP A 108 -5.58 14.02 2.06
N GLY A 109 -4.47 14.42 1.45
CA GLY A 109 -4.08 13.99 0.10
C GLY A 109 -3.79 12.49 0.06
N ALA A 110 -3.64 11.93 -1.14
CA ALA A 110 -3.38 10.49 -1.33
C ALA A 110 -1.89 10.18 -1.20
N GLY A 111 -1.02 11.17 -1.01
CA GLY A 111 0.44 10.99 -0.86
C GLY A 111 1.16 11.04 -2.20
N THR A 112 2.42 11.49 -2.20
CA THR A 112 3.31 11.58 -3.37
C THR A 112 4.53 10.70 -3.05
N THR A 113 4.84 9.73 -3.89
CA THR A 113 6.02 8.85 -3.74
C THR A 113 7.25 9.52 -4.37
N VAL A 114 8.29 9.77 -3.56
CA VAL A 114 9.57 10.36 -4.02
C VAL A 114 10.62 9.27 -3.90
N THR A 115 11.32 8.97 -5.00
CA THR A 115 12.47 8.06 -5.03
C THR A 115 13.75 8.80 -5.41
N VAL A 116 14.76 8.81 -4.53
CA VAL A 116 16.09 9.44 -4.77
C VAL A 116 17.02 8.33 -5.29
N SER A 117 17.45 8.46 -6.54
CA SER A 117 18.26 7.42 -7.24
C SER A 117 19.13 8.04 -8.34
N SER A 118 20.34 7.48 -8.55
CA SER A 118 21.21 7.78 -9.72
C SER A 118 20.64 7.14 -11.00
N ALA A 119 19.72 6.19 -10.90
CA ALA A 119 19.35 5.31 -12.03
C ALA A 119 18.20 5.97 -12.81
N SER A 120 18.17 5.67 -14.08
CA SER A 120 17.15 6.17 -15.03
CA SER A 120 17.15 6.16 -15.04
C SER A 120 15.84 5.42 -14.83
N THR A 121 14.70 6.04 -15.16
CA THR A 121 13.41 5.33 -15.05
C THR A 121 13.35 4.19 -16.08
N LYS A 122 12.61 3.15 -15.76
CA LYS A 122 12.21 2.08 -16.70
C LYS A 122 10.70 1.88 -16.59
N GLY A 123 9.98 1.89 -17.72
CA GLY A 123 8.54 1.61 -17.71
C GLY A 123 8.24 0.11 -17.73
N PRO A 124 7.06 -0.30 -17.23
CA PRO A 124 6.73 -1.72 -17.14
C PRO A 124 6.41 -2.33 -18.51
N SER A 125 6.66 -3.62 -18.65
CA SER A 125 6.05 -4.46 -19.72
C SER A 125 4.82 -5.14 -19.11
N VAL A 126 3.69 -5.07 -19.77
CA VAL A 126 2.44 -5.69 -19.24
C VAL A 126 2.07 -6.92 -20.10
N PHE A 127 1.93 -8.08 -19.47
CA PHE A 127 1.55 -9.35 -20.14
C PHE A 127 0.27 -9.91 -19.54
N PRO A 128 -0.62 -10.54 -20.36
CA PRO A 128 -1.82 -11.17 -19.82
C PRO A 128 -1.54 -12.49 -19.08
N LEU A 129 -2.29 -12.70 -18.00
CA LEU A 129 -2.43 -14.01 -17.31
C LEU A 129 -3.82 -14.55 -17.69
N ALA A 130 -3.87 -15.34 -18.76
CA ALA A 130 -5.12 -15.73 -19.44
C ALA A 130 -5.83 -16.80 -18.61
N PRO A 131 -7.17 -16.76 -18.51
CA PRO A 131 -7.90 -17.79 -17.75
C PRO A 131 -7.76 -19.21 -18.32
N SER A 132 -7.88 -20.24 -17.46
CA SER A 132 -7.70 -21.69 -17.74
C SER A 132 -8.70 -22.19 -18.78
N GLY A 139 -17.60 -23.07 -12.31
CA GLY A 139 -17.55 -22.24 -11.09
C GLY A 139 -16.78 -20.95 -11.34
N THR A 140 -15.59 -20.82 -10.75
CA THR A 140 -14.79 -19.56 -10.72
C THR A 140 -13.50 -19.74 -11.53
N ALA A 141 -13.13 -18.72 -12.30
CA ALA A 141 -11.91 -18.66 -13.11
C ALA A 141 -11.05 -17.51 -12.57
N ALA A 142 -9.73 -17.61 -12.68
CA ALA A 142 -8.81 -16.51 -12.32
C ALA A 142 -8.12 -16.02 -13.58
N LEU A 143 -7.89 -14.72 -13.68
CA LEU A 143 -7.12 -14.13 -14.77
C LEU A 143 -6.36 -12.93 -14.19
N GLY A 144 -5.45 -12.34 -14.93
CA GLY A 144 -4.62 -11.28 -14.37
C GLY A 144 -3.74 -10.61 -15.41
N CYS A 145 -2.83 -9.79 -14.90
CA CYS A 145 -1.77 -9.07 -15.66
C CYS A 145 -0.47 -9.12 -14.87
N LEU A 146 0.61 -9.47 -15.56
CA LEU A 146 2.00 -9.42 -15.04
C LEU A 146 2.62 -8.08 -15.45
N VAL A 147 3.05 -7.28 -14.48
CA VAL A 147 3.57 -5.89 -14.66
C VAL A 147 5.08 -5.96 -14.36
N LYS A 148 5.92 -6.06 -15.39
CA LYS A 148 7.31 -6.59 -15.28
C LYS A 148 8.35 -5.50 -15.54
N ASP A 149 9.38 -5.42 -14.72
CA ASP A 149 10.67 -4.75 -15.05
C ASP A 149 10.52 -3.22 -15.07
N TYR A 150 10.00 -2.62 -14.02
CA TYR A 150 9.87 -1.13 -13.92
C TYR A 150 10.70 -0.56 -12.77
N PHE A 151 10.96 0.75 -12.84
CA PHE A 151 11.67 1.48 -11.76
C PHE A 151 11.38 2.98 -11.88
N PRO A 152 11.03 3.74 -10.82
CA PRO A 152 10.85 3.27 -9.43
C PRO A 152 9.39 2.88 -9.14
N GLU A 153 9.05 2.69 -7.86
CA GLU A 153 7.61 2.66 -7.44
C GLU A 153 7.03 4.08 -7.57
N PRO A 154 5.69 4.23 -7.69
CA PRO A 154 4.74 3.12 -7.77
C PRO A 154 4.13 2.93 -9.16
N VAL A 155 3.50 1.79 -9.37
CA VAL A 155 2.52 1.60 -10.46
C VAL A 155 1.11 1.61 -9.87
N THR A 156 0.11 2.00 -10.68
CA THR A 156 -1.34 1.80 -10.42
C THR A 156 -1.88 0.76 -11.43
N VAL A 157 -2.75 -0.12 -10.95
CA VAL A 157 -3.50 -1.08 -11.78
C VAL A 157 -4.99 -0.92 -11.44
N SER A 158 -5.84 -0.82 -12.45
CA SER A 158 -7.31 -0.98 -12.30
C SER A 158 -7.75 -2.02 -13.31
N TRP A 159 -9.01 -2.45 -13.19
CA TRP A 159 -9.65 -3.42 -14.10
C TRP A 159 -10.88 -2.75 -14.70
N ASN A 160 -10.98 -2.79 -16.01
CA ASN A 160 -12.16 -2.29 -16.80
C ASN A 160 -12.41 -0.84 -16.39
N SER A 161 -11.34 -0.04 -16.36
CA SER A 161 -11.28 1.39 -15.97
C SER A 161 -11.88 1.61 -14.57
N GLY A 162 -11.81 0.61 -13.67
CA GLY A 162 -12.31 0.75 -12.28
C GLY A 162 -13.74 0.25 -12.10
N ALA A 163 -14.37 -0.26 -13.15
CA ALA A 163 -15.71 -0.89 -13.07
C ALA A 163 -15.64 -2.20 -12.26
N LEU A 164 -14.44 -2.81 -12.16
CA LEU A 164 -14.28 -4.17 -11.58
C LEU A 164 -13.32 -4.06 -10.41
N THR A 165 -13.84 -4.26 -9.19
CA THR A 165 -13.12 -4.10 -7.91
C THR A 165 -13.21 -5.41 -7.11
N SER A 166 -14.38 -6.02 -7.08
CA SER A 166 -14.67 -7.32 -6.43
C SER A 166 -13.72 -8.42 -6.92
N GLY A 167 -13.00 -9.04 -5.98
CA GLY A 167 -12.20 -10.26 -6.25
C GLY A 167 -10.80 -9.91 -6.77
N VAL A 168 -10.48 -8.62 -6.89
CA VAL A 168 -9.16 -8.15 -7.35
C VAL A 168 -8.14 -8.24 -6.20
N HIS A 169 -6.96 -8.75 -6.53
CA HIS A 169 -5.78 -8.69 -5.65
C HIS A 169 -4.61 -8.19 -6.47
N THR A 170 -4.12 -7.01 -6.15
CA THR A 170 -2.90 -6.45 -6.74
C THR A 170 -1.77 -6.68 -5.73
N PHE A 171 -0.78 -7.45 -6.11
CA PHE A 171 0.31 -7.88 -5.19
C PHE A 171 1.28 -6.73 -4.95
N PRO A 172 1.90 -6.71 -3.74
CA PRO A 172 3.07 -5.89 -3.50
C PRO A 172 4.17 -6.18 -4.53
N ALA A 173 4.84 -5.12 -4.99
CA ALA A 173 5.98 -5.24 -5.91
C ALA A 173 7.07 -6.08 -5.22
N VAL A 174 7.81 -6.84 -6.00
CA VAL A 174 9.05 -7.49 -5.50
C VAL A 174 10.21 -7.09 -6.40
N LEU A 175 11.42 -6.94 -5.83
CA LEU A 175 12.63 -6.67 -6.63
C LEU A 175 13.16 -7.94 -7.27
N GLN A 176 13.59 -7.80 -8.49
CA GLN A 176 14.33 -8.85 -9.20
C GLN A 176 15.82 -8.57 -8.97
N SER A 177 16.66 -9.55 -9.29
CA SER A 177 18.14 -9.49 -9.16
C SER A 177 18.66 -8.34 -10.05
N SER A 178 17.88 -7.96 -11.06
CA SER A 178 18.17 -6.83 -11.99
C SER A 178 18.07 -5.46 -11.30
N GLY A 179 17.45 -5.36 -10.14
CA GLY A 179 17.21 -4.08 -9.46
C GLY A 179 15.94 -3.41 -9.98
N LEU A 180 15.12 -4.16 -10.72
CA LEU A 180 13.80 -3.67 -11.21
C LEU A 180 12.67 -4.41 -10.51
N TYR A 181 11.53 -3.74 -10.39
CA TYR A 181 10.33 -4.25 -9.68
C TYR A 181 9.47 -5.04 -10.64
N SER A 182 8.73 -5.99 -10.08
CA SER A 182 7.67 -6.71 -10.83
CA SER A 182 7.68 -6.73 -10.83
C SER A 182 6.48 -6.97 -9.91
N LEU A 183 5.26 -6.91 -10.45
CA LEU A 183 4.09 -7.36 -9.66
C LEU A 183 3.09 -7.98 -10.59
N SER A 184 2.12 -8.62 -9.98
CA SER A 184 0.93 -9.13 -10.70
CA SER A 184 0.93 -9.19 -10.67
C SER A 184 -0.33 -8.57 -10.07
N SER A 185 -1.40 -8.48 -10.86
CA SER A 185 -2.75 -8.14 -10.38
C SER A 185 -3.62 -9.27 -10.90
N VAL A 186 -4.47 -9.84 -10.06
CA VAL A 186 -5.35 -10.97 -10.47
C VAL A 186 -6.78 -10.63 -10.05
N VAL A 187 -7.71 -11.31 -10.68
CA VAL A 187 -9.14 -11.19 -10.31
C VAL A 187 -9.80 -12.55 -10.60
N THR A 188 -10.75 -12.95 -9.75
CA THR A 188 -11.57 -14.15 -9.93
C THR A 188 -12.93 -13.67 -10.42
N VAL A 189 -13.47 -14.36 -11.42
CA VAL A 189 -14.75 -13.99 -12.09
C VAL A 189 -15.53 -15.28 -12.32
N PRO A 190 -16.87 -15.18 -12.48
CA PRO A 190 -17.66 -16.33 -12.91
C PRO A 190 -17.10 -16.89 -14.23
N SER A 191 -16.89 -18.20 -14.28
CA SER A 191 -16.45 -18.96 -15.48
C SER A 191 -17.40 -18.71 -16.67
N SER A 192 -18.68 -18.43 -16.39
CA SER A 192 -19.73 -18.22 -17.43
C SER A 192 -19.55 -16.88 -18.14
N SER A 193 -18.76 -15.96 -17.58
CA SER A 193 -18.55 -14.59 -18.15
C SER A 193 -17.44 -14.58 -19.22
N LEU A 194 -16.68 -15.66 -19.37
CA LEU A 194 -15.42 -15.68 -20.17
C LEU A 194 -15.71 -15.42 -21.66
N GLY A 195 -16.86 -15.89 -22.18
CA GLY A 195 -17.25 -15.70 -23.58
C GLY A 195 -18.05 -14.42 -23.81
N THR A 196 -18.46 -13.72 -22.74
CA THR A 196 -19.39 -12.56 -22.74
C THR A 196 -18.68 -11.26 -22.40
N GLN A 197 -18.01 -11.24 -21.24
CA GLN A 197 -17.46 -10.04 -20.56
C GLN A 197 -15.98 -9.85 -20.94
N THR A 198 -15.60 -8.64 -21.37
CA THR A 198 -14.18 -8.29 -21.68
C THR A 198 -13.47 -7.88 -20.39
N TYR A 199 -12.21 -8.26 -20.29
CA TYR A 199 -11.34 -8.00 -19.10
C TYR A 199 -10.07 -7.30 -19.60
N ILE A 200 -9.89 -6.07 -19.15
CA ILE A 200 -8.76 -5.17 -19.50
C ILE A 200 -8.12 -4.66 -18.22
N CYS A 201 -6.81 -4.85 -18.09
CA CYS A 201 -6.06 -4.23 -16.99
C CYS A 201 -5.45 -2.90 -17.48
N ASN A 202 -5.60 -1.86 -16.68
CA ASN A 202 -5.10 -0.48 -16.95
C ASN A 202 -3.92 -0.22 -16.02
N VAL A 203 -2.76 -0.04 -16.61
CA VAL A 203 -1.48 0.02 -15.85
C VAL A 203 -0.79 1.36 -16.12
N ASN A 204 -0.65 2.16 -15.08
CA ASN A 204 -0.03 3.51 -15.17
C ASN A 204 1.25 3.55 -14.33
N HIS A 205 2.27 4.25 -14.84
CA HIS A 205 3.59 4.44 -14.18
C HIS A 205 4.07 5.85 -14.49
N LYS A 206 3.80 6.78 -13.57
CA LYS A 206 4.03 8.22 -13.82
C LYS A 206 5.49 8.52 -14.13
N PRO A 207 6.52 8.00 -13.41
CA PRO A 207 7.91 8.35 -13.73
C PRO A 207 8.34 8.08 -15.18
N SER A 208 7.76 7.09 -15.86
CA SER A 208 8.13 6.69 -17.25
C SER A 208 7.14 7.33 -18.25
N ASN A 209 6.13 8.03 -17.74
CA ASN A 209 5.04 8.62 -18.59
C ASN A 209 4.38 7.49 -19.38
N THR A 210 4.20 6.34 -18.73
CA THR A 210 3.63 5.06 -19.25
C THR A 210 2.14 4.95 -18.87
N LYS A 211 1.28 4.65 -19.84
CA LYS A 211 -0.09 4.15 -19.57
C LYS A 211 -0.38 3.08 -20.61
N VAL A 212 -0.79 1.89 -20.17
CA VAL A 212 -1.08 0.75 -21.08
C VAL A 212 -2.40 0.08 -20.67
N ASP A 213 -3.14 -0.44 -21.66
CA ASP A 213 -4.36 -1.25 -21.44
C ASP A 213 -4.14 -2.59 -22.12
N LYS A 214 -4.26 -3.68 -21.39
CA LYS A 214 -4.03 -5.02 -21.95
C LYS A 214 -5.30 -5.85 -21.78
N LYS A 215 -5.88 -6.27 -22.89
CA LYS A 215 -7.05 -7.18 -22.90
C LYS A 215 -6.54 -8.55 -22.48
N VAL A 216 -7.23 -9.19 -21.54
CA VAL A 216 -6.89 -10.57 -21.09
C VAL A 216 -8.04 -11.46 -21.53
N GLU A 217 -7.79 -12.39 -22.43
CA GLU A 217 -8.88 -13.20 -23.03
C GLU A 217 -8.46 -14.67 -23.09
N PRO A 218 -9.44 -15.60 -23.07
CA PRO A 218 -9.16 -17.04 -23.09
C PRO A 218 -8.07 -17.47 -24.10
N LYS A 219 -7.29 -18.48 -23.70
CA LYS A 219 -5.88 -18.72 -24.11
C LYS A 219 -5.73 -18.84 -25.64
N SER A 220 -6.08 -19.99 -26.22
CA SER A 220 -5.70 -20.39 -27.61
C SER A 220 -6.56 -21.55 -28.12
N CYS A 221 -6.32 -22.00 -29.36
CA CYS A 221 -7.05 -23.07 -30.10
C CYS A 221 -8.56 -22.95 -29.84
N ASP B 1 11.80 16.76 22.64
CA ASP B 1 10.48 16.42 22.05
C ASP B 1 9.70 15.52 23.01
N ILE B 2 8.37 15.58 22.97
CA ILE B 2 7.53 14.59 23.69
C ILE B 2 7.62 13.27 22.92
N GLU B 3 7.87 12.16 23.63
CA GLU B 3 7.94 10.78 23.06
C GLU B 3 6.65 10.02 23.36
N LEU B 4 6.05 9.38 22.35
CA LEU B 4 4.84 8.56 22.52
C LEU B 4 5.24 7.09 22.29
N THR B 5 5.03 6.23 23.28
CA THR B 5 5.38 4.79 23.16
C THR B 5 4.11 4.00 22.89
N GLN B 6 4.11 3.27 21.80
CA GLN B 6 3.04 2.31 21.48
C GLN B 6 3.60 0.92 21.66
N SER B 7 3.10 0.24 22.68
CA SER B 7 3.41 -1.18 22.97
C SER B 7 2.10 -1.98 23.06
N PRO B 8 2.09 -3.25 22.59
CA PRO B 8 3.18 -3.81 21.79
C PRO B 8 3.11 -3.28 20.35
N SER B 9 4.06 -3.65 19.49
CA SER B 9 4.15 -3.23 18.06
C SER B 9 3.02 -3.88 17.24
N SER B 10 2.62 -5.11 17.59
CA SER B 10 1.56 -5.90 16.87
C SER B 10 0.71 -6.62 17.91
N VAL B 11 -0.61 -6.57 17.78
CA VAL B 11 -1.57 -7.32 18.66
C VAL B 11 -2.50 -8.09 17.73
N PRO B 12 -2.70 -9.41 17.94
CA PRO B 12 -3.74 -10.12 17.23
C PRO B 12 -5.09 -10.08 17.98
N VAL B 13 -6.20 -10.04 17.24
CA VAL B 13 -7.58 -10.03 17.80
C VAL B 13 -8.52 -10.81 16.87
N THR B 14 -9.44 -11.60 17.43
CA THR B 14 -10.37 -12.43 16.61
C THR B 14 -11.51 -11.54 16.08
N LEU B 15 -11.89 -11.74 14.80
CA LEU B 15 -13.08 -11.08 14.19
C LEU B 15 -14.24 -11.13 15.19
N GLY B 16 -14.79 -9.98 15.53
CA GLY B 16 -15.99 -9.82 16.37
C GLY B 16 -15.67 -9.57 17.84
N GLU B 17 -14.41 -9.73 18.24
CA GLU B 17 -13.95 -9.57 19.65
C GLU B 17 -13.50 -8.11 19.82
N SER B 18 -13.33 -7.67 21.05
CA SER B 18 -12.85 -6.30 21.37
C SER B 18 -11.34 -6.35 21.61
N VAL B 19 -10.63 -5.22 21.51
CA VAL B 19 -9.17 -5.12 21.77
C VAL B 19 -8.85 -3.71 22.27
N SER B 20 -7.83 -3.59 23.11
CA SER B 20 -7.34 -2.29 23.64
C SER B 20 -5.87 -2.14 23.28
N ILE B 21 -5.46 -0.95 22.85
CA ILE B 21 -4.03 -0.65 22.54
C ILE B 21 -3.66 0.63 23.26
N SER B 22 -2.36 0.76 23.49
CA SER B 22 -1.77 1.68 24.51
C SER B 22 -0.93 2.71 23.80
N CYS B 23 -1.00 3.97 24.26
CA CYS B 23 -0.06 5.05 23.91
C CYS B 23 0.35 5.71 25.22
N ARG B 24 1.64 5.76 25.55
CA ARG B 24 2.09 6.40 26.81
C ARG B 24 3.07 7.52 26.45
N SER B 25 2.86 8.70 27.04
CA SER B 25 3.70 9.89 26.72
C SER B 25 4.77 10.06 27.79
N SER B 26 5.88 10.68 27.38
CA SER B 26 7.04 11.02 28.24
C SER B 26 6.65 12.09 29.26
N THR B 27 5.61 12.89 28.96
CA THR B 27 5.14 13.95 29.87
C THR B 27 3.62 14.08 29.77
N SER B 28 2.99 14.74 30.73
CA SER B 28 1.51 14.94 30.74
C SER B 28 1.09 15.63 29.43
N LEU B 29 0.01 15.17 28.79
CA LEU B 29 -0.54 15.89 27.61
C LEU B 29 -1.72 16.79 28.01
N LEU B 30 -1.81 17.20 29.28
CA LEU B 30 -2.93 18.05 29.77
C LEU B 30 -2.63 19.47 29.35
N HIS B 31 -3.55 20.07 28.59
CA HIS B 31 -3.49 21.49 28.15
C HIS B 31 -4.28 22.35 29.14
N SER B 32 -3.95 23.63 29.20
CA SER B 32 -4.54 24.61 30.16
C SER B 32 -6.05 24.70 29.93
N SER B 33 -6.50 24.38 28.72
CA SER B 33 -7.93 24.31 28.32
C SER B 33 -8.65 23.17 29.05
N GLY B 34 -7.92 22.19 29.59
CA GLY B 34 -8.48 21.03 30.29
C GLY B 34 -8.64 19.85 29.36
N LYS B 35 -8.28 20.04 28.07
CA LYS B 35 -8.22 18.95 27.07
C LYS B 35 -6.86 18.25 27.16
N HIS B 36 -6.84 16.93 26.95
CA HIS B 36 -5.60 16.17 26.70
C HIS B 36 -5.34 16.12 25.18
N ARG B 37 -4.16 16.56 24.75
CA ARG B 37 -3.82 16.83 23.33
C ARG B 37 -3.34 15.54 22.68
N LEU B 38 -4.19 14.53 22.59
CA LEU B 38 -3.82 13.27 21.92
C LEU B 38 -4.89 12.85 20.91
N TYR B 39 -4.43 12.40 19.76
CA TYR B 39 -5.28 11.96 18.63
C TYR B 39 -4.94 10.49 18.31
N TRP B 40 -5.90 9.77 17.74
CA TRP B 40 -5.67 8.43 17.17
C TRP B 40 -6.03 8.41 15.68
N PHE B 41 -5.15 7.79 14.88
CA PHE B 41 -5.30 7.59 13.42
C PHE B 41 -5.23 6.08 13.10
N LEU B 42 -5.94 5.69 12.05
CA LEU B 42 -5.84 4.35 11.42
C LEU B 42 -5.26 4.59 10.04
N GLN B 43 -4.18 3.89 9.69
CA GLN B 43 -3.67 3.84 8.30
C GLN B 43 -3.92 2.44 7.72
N ARG B 44 -4.92 2.33 6.84
CA ARG B 44 -5.18 1.04 6.12
C ARG B 44 -4.09 0.88 5.06
N PRO B 45 -3.83 -0.35 4.54
CA PRO B 45 -2.80 -0.55 3.52
C PRO B 45 -2.99 0.28 2.25
N GLY B 46 -1.94 0.99 1.82
CA GLY B 46 -1.89 1.84 0.61
C GLY B 46 -2.70 3.13 0.79
N GLN B 47 -3.22 3.43 1.99
CA GLN B 47 -4.11 4.61 2.18
CA GLN B 47 -4.13 4.58 2.25
C GLN B 47 -3.43 5.69 3.05
N SER B 48 -3.99 6.87 2.97
CA SER B 48 -3.61 8.00 3.85
CA SER B 48 -3.63 8.01 3.85
C SER B 48 -4.11 7.77 5.28
N PRO B 49 -3.52 8.45 6.27
CA PRO B 49 -4.02 8.31 7.63
C PRO B 49 -5.47 8.80 7.69
N GLN B 50 -6.22 8.22 8.61
CA GLN B 50 -7.64 8.58 8.86
C GLN B 50 -7.84 8.84 10.35
N LEU B 51 -8.28 10.05 10.70
CA LEU B 51 -8.57 10.38 12.12
C LEU B 51 -9.74 9.54 12.66
N LEU B 52 -9.53 8.95 13.85
CA LEU B 52 -10.58 8.19 14.59
C LEU B 52 -11.10 8.99 15.77
N ILE B 53 -10.18 9.46 16.63
CA ILE B 53 -10.47 10.06 17.96
C ILE B 53 -9.65 11.34 18.10
N TYR B 54 -10.27 12.43 18.54
CA TYR B 54 -9.57 13.67 18.94
C TYR B 54 -9.69 13.85 20.46
N TYR B 55 -8.60 14.34 21.05
CA TYR B 55 -8.50 14.77 22.46
C TYR B 55 -9.02 13.62 23.34
N VAL B 56 -8.46 12.44 23.07
CA VAL B 56 -8.54 11.19 23.91
C VAL B 56 -9.84 10.40 23.70
N SER B 57 -11.00 11.06 23.71
CA SER B 57 -12.33 10.43 23.93
C SER B 57 -13.37 10.85 22.87
N ASN B 58 -13.07 11.82 22.01
CA ASN B 58 -14.08 12.38 21.08
C ASN B 58 -14.02 11.63 19.74
N LEU B 59 -15.14 11.02 19.37
CA LEU B 59 -15.32 10.30 18.08
C LEU B 59 -15.35 11.37 16.98
N ALA B 60 -14.47 11.26 15.99
CA ALA B 60 -14.42 12.14 14.80
C ALA B 60 -15.65 11.89 13.93
N SER B 61 -16.10 12.95 13.27
CA SER B 61 -17.28 12.94 12.37
C SER B 61 -17.10 11.82 11.34
N GLY B 62 -18.10 10.96 11.18
CA GLY B 62 -18.12 9.95 10.11
C GLY B 62 -17.48 8.64 10.52
N VAL B 63 -16.90 8.55 11.72
CA VAL B 63 -16.23 7.30 12.25
C VAL B 63 -17.26 6.46 13.02
N SER B 64 -17.18 5.12 12.89
CA SER B 64 -18.00 4.14 13.64
C SER B 64 -17.83 4.31 15.16
N ASP B 65 -18.91 4.22 15.93
CA ASP B 65 -18.86 4.26 17.41
C ASP B 65 -18.39 2.92 17.99
N ARG B 66 -17.84 2.02 17.17
CA ARG B 66 -17.08 0.85 17.66
C ARG B 66 -15.73 1.32 18.23
N PHE B 67 -15.30 2.52 17.82
CA PHE B 67 -14.04 3.16 18.27
C PHE B 67 -14.34 4.09 19.45
N SER B 68 -13.58 3.97 20.54
CA SER B 68 -13.63 4.84 21.73
C SER B 68 -12.22 4.97 22.30
N GLY B 69 -12.00 5.96 23.17
CA GLY B 69 -10.70 6.16 23.82
C GLY B 69 -10.86 6.62 25.24
N SER B 70 -9.83 6.50 26.06
CA SER B 70 -9.82 6.94 27.47
C SER B 70 -8.36 7.08 27.95
N GLY B 71 -8.18 7.67 29.12
CA GLY B 71 -6.87 7.84 29.78
C GLY B 71 -6.70 9.27 30.23
N SER B 72 -5.60 9.55 30.92
CA SER B 72 -5.21 10.92 31.34
C SER B 72 -3.73 10.93 31.75
N GLY B 73 -3.17 12.12 32.02
CA GLY B 73 -1.76 12.27 32.37
C GLY B 73 -0.88 11.75 31.24
N THR B 74 -0.39 10.50 31.36
CA THR B 74 0.61 9.91 30.41
C THR B 74 0.17 8.58 29.78
N ASP B 75 -0.94 7.96 30.17
CA ASP B 75 -1.29 6.62 29.61
C ASP B 75 -2.69 6.67 28.98
N PHE B 76 -2.77 6.48 27.65
CA PHE B 76 -4.02 6.58 26.84
C PHE B 76 -4.29 5.24 26.16
N THR B 77 -5.57 4.95 25.91
CA THR B 77 -6.04 3.66 25.35
C THR B 77 -7.09 3.94 24.27
N LEU B 78 -6.89 3.35 23.10
CA LEU B 78 -7.94 3.20 22.06
C LEU B 78 -8.57 1.82 22.24
N ARG B 79 -9.90 1.75 22.16
CA ARG B 79 -10.67 0.49 22.22
C ARG B 79 -11.48 0.30 20.93
N ILE B 80 -11.34 -0.88 20.32
CA ILE B 80 -12.18 -1.32 19.16
C ILE B 80 -13.01 -2.50 19.66
N SER B 81 -14.31 -2.35 19.75
CA SER B 81 -15.23 -3.47 20.07
C SER B 81 -15.71 -4.06 18.75
N ARG B 82 -16.06 -5.35 18.76
CA ARG B 82 -16.58 -6.08 17.58
C ARG B 82 -15.72 -5.76 16.35
N VAL B 83 -14.42 -6.04 16.43
CA VAL B 83 -13.43 -5.88 15.32
C VAL B 83 -13.98 -6.48 14.01
N GLU B 84 -13.93 -5.67 12.94
CA GLU B 84 -14.33 -6.03 11.56
C GLU B 84 -13.09 -6.11 10.67
N ALA B 85 -13.18 -6.85 9.56
CA ALA B 85 -12.04 -7.08 8.63
C ALA B 85 -11.48 -5.72 8.20
N GLY B 86 -12.36 -4.74 8.03
CA GLY B 86 -11.99 -3.38 7.55
C GLY B 86 -11.15 -2.61 8.55
N ASP B 87 -11.02 -3.07 9.79
CA ASP B 87 -10.23 -2.37 10.84
C ASP B 87 -8.74 -2.71 10.72
N PHE B 88 -8.38 -3.69 9.86
CA PHE B 88 -6.97 -4.09 9.65
C PHE B 88 -6.16 -2.87 9.21
N GLY B 89 -5.00 -2.69 9.82
CA GLY B 89 -4.05 -1.62 9.46
C GLY B 89 -3.18 -1.29 10.65
N VAL B 90 -2.59 -0.08 10.64
CA VAL B 90 -1.69 0.37 11.72
C VAL B 90 -2.33 1.61 12.38
N TYR B 91 -2.39 1.57 13.70
CA TYR B 91 -2.95 2.65 14.56
C TYR B 91 -1.81 3.49 15.10
N TYR B 92 -1.89 4.83 14.96
CA TYR B 92 -0.82 5.76 15.37
C TYR B 92 -1.47 6.80 16.27
N CYS B 93 -0.83 7.06 17.41
CA CYS B 93 -1.23 8.23 18.24
C CYS B 93 -0.34 9.41 17.84
N LEU B 94 -0.85 10.62 18.11
CA LEU B 94 -0.18 11.90 17.81
CA LEU B 94 -0.14 11.88 17.85
C LEU B 94 -0.48 12.87 18.97
N GLN B 95 0.53 13.59 19.42
CA GLN B 95 0.37 14.65 20.47
C GLN B 95 0.47 16.02 19.80
N SER B 96 -0.35 16.96 20.26
CA SER B 96 -0.38 18.37 19.79
C SER B 96 -0.16 19.33 20.97
N LEU B 97 0.39 18.85 22.09
CA LEU B 97 0.62 19.75 23.28
C LEU B 97 1.73 20.75 22.98
N GLU B 98 2.84 20.25 22.46
CA GLU B 98 4.05 21.05 22.17
C GLU B 98 4.51 20.78 20.75
N TYR B 99 5.07 21.79 20.09
CA TYR B 99 5.79 21.62 18.79
C TYR B 99 7.18 21.12 19.13
N PRO B 100 7.79 20.24 18.30
CA PRO B 100 7.13 19.66 17.13
C PRO B 100 6.06 18.66 17.57
N PHE B 101 4.95 18.56 16.83
CA PHE B 101 3.96 17.47 17.01
C PHE B 101 4.67 16.15 16.71
N THR B 102 4.35 15.09 17.43
CA THR B 102 5.06 13.80 17.32
C THR B 102 4.06 12.64 17.24
N PHE B 103 4.39 11.65 16.40
CA PHE B 103 3.63 10.38 16.29
C PHE B 103 4.28 9.31 17.18
N GLY B 104 3.46 8.40 17.70
CA GLY B 104 3.90 7.09 18.19
C GLY B 104 4.42 6.22 17.06
N SER B 105 5.12 5.12 17.37
CA SER B 105 5.73 4.25 16.31
C SER B 105 4.70 3.32 15.64
N GLY B 106 3.47 3.23 16.16
CA GLY B 106 2.32 2.57 15.53
C GLY B 106 2.16 1.12 16.01
N THR B 107 0.92 0.69 16.13
CA THR B 107 0.56 -0.70 16.53
C THR B 107 -0.20 -1.32 15.35
N LYS B 108 0.38 -2.38 14.75
CA LYS B 108 -0.31 -3.18 13.69
C LYS B 108 -1.34 -4.11 14.35
N LEU B 109 -2.58 -4.05 13.88
CA LEU B 109 -3.70 -4.90 14.32
C LEU B 109 -3.68 -6.11 13.40
N GLU B 110 -3.47 -7.29 13.95
CA GLU B 110 -3.53 -8.54 13.15
C GLU B 110 -4.87 -9.16 13.46
N ILE B 111 -5.60 -9.58 12.45
CA ILE B 111 -6.97 -10.12 12.63
C ILE B 111 -6.85 -11.64 12.59
N LYS B 112 -7.34 -12.31 13.62
CA LYS B 112 -7.35 -13.78 13.66
C LYS B 112 -8.67 -14.23 13.07
N ARG B 113 -8.61 -15.25 12.23
CA ARG B 113 -9.78 -15.85 11.57
C ARG B 113 -9.48 -17.34 11.48
N THR B 114 -10.47 -18.13 11.02
CA THR B 114 -10.32 -19.58 10.86
C THR B 114 -9.33 -19.88 9.72
N VAL B 115 -8.65 -21.00 9.88
CA VAL B 115 -7.86 -21.65 8.81
C VAL B 115 -8.72 -21.75 7.54
N ALA B 116 -8.07 -21.56 6.40
CA ALA B 116 -8.69 -21.54 5.06
C ALA B 116 -7.64 -22.03 4.08
N ALA B 117 -7.98 -23.03 3.27
CA ALA B 117 -7.08 -23.55 2.23
C ALA B 117 -7.12 -22.66 1.01
N PRO B 118 -5.96 -22.54 0.33
CA PRO B 118 -5.84 -21.78 -0.91
C PRO B 118 -6.55 -22.47 -2.07
N SER B 119 -7.11 -21.65 -2.95
CA SER B 119 -7.41 -22.04 -4.36
C SER B 119 -6.16 -21.81 -5.20
N VAL B 120 -5.76 -22.80 -5.98
CA VAL B 120 -4.47 -22.77 -6.70
C VAL B 120 -4.72 -22.71 -8.19
N PHE B 121 -4.04 -21.78 -8.86
CA PHE B 121 -4.14 -21.52 -10.32
C PHE B 121 -2.73 -21.36 -10.91
N ILE B 122 -2.51 -21.93 -12.10
CA ILE B 122 -1.21 -21.80 -12.82
C ILE B 122 -1.45 -21.15 -14.19
N PHE B 123 -0.57 -20.23 -14.58
CA PHE B 123 -0.67 -19.46 -15.84
C PHE B 123 0.61 -19.67 -16.65
N PRO B 124 0.49 -20.13 -17.91
CA PRO B 124 1.64 -20.15 -18.81
C PRO B 124 2.06 -18.75 -19.21
N PRO B 125 3.27 -18.60 -19.81
CA PRO B 125 3.70 -17.29 -20.30
C PRO B 125 2.84 -16.91 -21.51
N SER B 126 2.65 -15.60 -21.73
CA SER B 126 1.91 -15.05 -22.89
C SER B 126 2.78 -15.18 -24.13
N ASP B 127 2.18 -15.41 -25.30
CA ASP B 127 2.93 -15.46 -26.58
C ASP B 127 3.63 -14.11 -26.77
N GLU B 128 2.99 -13.02 -26.32
CA GLU B 128 3.55 -11.64 -26.42
C GLU B 128 4.88 -11.58 -25.68
N GLN B 129 4.99 -12.15 -24.46
CA GLN B 129 6.26 -12.18 -23.68
C GLN B 129 7.31 -13.02 -24.40
N LEU B 130 6.92 -14.21 -24.89
CA LEU B 130 7.83 -15.22 -25.47
C LEU B 130 8.62 -14.58 -26.62
N LYS B 131 7.99 -13.67 -27.35
CA LYS B 131 8.63 -12.95 -28.49
C LYS B 131 9.82 -12.14 -27.98
N SER B 132 9.78 -11.67 -26.72
CA SER B 132 10.80 -10.80 -26.09
C SER B 132 12.02 -11.61 -25.62
N GLY B 133 11.93 -12.95 -25.62
CA GLY B 133 13.04 -13.85 -25.27
C GLY B 133 12.92 -14.43 -23.86
N THR B 134 12.00 -13.92 -23.04
CA THR B 134 11.80 -14.36 -21.63
C THR B 134 10.44 -15.05 -21.48
N ALA B 135 10.32 -15.99 -20.53
CA ALA B 135 9.10 -16.72 -20.18
C ALA B 135 8.90 -16.63 -18.67
N SER B 136 7.75 -16.11 -18.23
CA SER B 136 7.37 -16.00 -16.80
C SER B 136 6.17 -16.93 -16.58
N VAL B 137 6.30 -17.90 -15.68
CA VAL B 137 5.20 -18.83 -15.28
C VAL B 137 4.70 -18.39 -13.91
N VAL B 138 3.38 -18.22 -13.76
CA VAL B 138 2.80 -17.65 -12.51
C VAL B 138 1.92 -18.71 -11.83
N CYS B 139 2.11 -18.84 -10.52
CA CYS B 139 1.29 -19.70 -9.63
C CYS B 139 0.60 -18.81 -8.58
N LEU B 140 -0.75 -18.86 -8.54
CA LEU B 140 -1.59 -18.05 -7.63
C LEU B 140 -2.17 -18.97 -6.56
N LEU B 141 -1.94 -18.62 -5.29
CA LEU B 141 -2.63 -19.21 -4.11
C LEU B 141 -3.62 -18.17 -3.60
N ASN B 142 -4.93 -18.41 -3.79
CA ASN B 142 -5.97 -17.41 -3.45
C ASN B 142 -6.69 -17.70 -2.12
N ASN B 143 -6.77 -16.65 -1.30
CA ASN B 143 -7.70 -16.50 -0.15
C ASN B 143 -7.46 -17.62 0.86
N PHE B 144 -6.27 -17.62 1.51
CA PHE B 144 -5.89 -18.65 2.51
C PHE B 144 -5.54 -17.99 3.85
N TYR B 145 -5.41 -18.84 4.86
CA TYR B 145 -5.07 -18.44 6.25
C TYR B 145 -4.66 -19.72 6.97
N PRO B 146 -3.57 -19.71 7.77
CA PRO B 146 -2.71 -18.53 7.98
C PRO B 146 -1.67 -18.28 6.87
N ARG B 147 -0.75 -17.33 7.09
CA ARG B 147 0.13 -16.78 6.01
C ARG B 147 1.12 -17.84 5.53
N GLU B 148 1.61 -18.72 6.39
CA GLU B 148 2.67 -19.69 6.00
C GLU B 148 2.15 -20.64 4.91
N ALA B 149 2.90 -20.77 3.81
CA ALA B 149 2.64 -21.70 2.69
C ALA B 149 3.95 -22.02 1.98
N LYS B 150 4.05 -23.16 1.32
CA LYS B 150 5.28 -23.50 0.53
C LYS B 150 4.85 -23.81 -0.91
N VAL B 151 5.54 -23.18 -1.85
CA VAL B 151 5.40 -23.35 -3.33
C VAL B 151 6.72 -23.94 -3.84
N GLN B 152 6.66 -25.10 -4.47
CA GLN B 152 7.79 -25.72 -5.20
C GLN B 152 7.40 -25.76 -6.68
N TRP B 153 8.34 -25.37 -7.53
CA TRP B 153 8.23 -25.45 -9.01
C TRP B 153 8.92 -26.74 -9.46
N LYS B 154 8.35 -27.42 -10.46
CA LYS B 154 8.92 -28.62 -11.12
C LYS B 154 8.72 -28.50 -12.63
N VAL B 155 9.76 -28.80 -13.40
CA VAL B 155 9.74 -28.77 -14.89
C VAL B 155 10.13 -30.18 -15.37
N ASP B 156 9.22 -30.88 -16.06
CA ASP B 156 9.36 -32.31 -16.48
C ASP B 156 9.62 -33.23 -15.27
N ASN B 157 9.15 -32.83 -14.07
CA ASN B 157 9.25 -33.60 -12.81
C ASN B 157 10.55 -33.23 -12.09
N ALA B 158 11.42 -32.43 -12.71
CA ALA B 158 12.67 -31.93 -12.11
C ALA B 158 12.33 -30.77 -11.17
N LEU B 159 12.61 -30.95 -9.88
CA LEU B 159 12.40 -29.91 -8.85
C LEU B 159 13.26 -28.69 -9.22
N GLN B 160 12.64 -27.53 -9.46
CA GLN B 160 13.32 -26.26 -9.81
C GLN B 160 13.85 -25.66 -8.51
N SER B 161 14.75 -24.69 -8.62
CA SER B 161 15.31 -23.93 -7.48
C SER B 161 16.14 -22.76 -8.00
N GLY B 162 16.06 -21.62 -7.33
CA GLY B 162 16.85 -20.42 -7.64
C GLY B 162 16.16 -19.49 -8.62
N ASN B 163 15.22 -19.99 -9.45
CA ASN B 163 14.67 -19.25 -10.61
C ASN B 163 13.22 -18.78 -10.37
N SER B 164 12.85 -18.41 -9.13
CA SER B 164 11.47 -17.95 -8.77
C SER B 164 11.50 -16.95 -7.61
N GLN B 165 10.45 -16.11 -7.49
CA GLN B 165 10.21 -15.27 -6.30
C GLN B 165 8.71 -15.14 -6.05
N GLU B 166 8.34 -14.70 -4.87
CA GLU B 166 6.90 -14.59 -4.55
C GLU B 166 6.58 -13.30 -3.80
N SER B 167 5.30 -12.97 -3.86
CA SER B 167 4.68 -11.81 -3.19
C SER B 167 3.44 -12.28 -2.45
N VAL B 168 3.21 -11.72 -1.26
CA VAL B 168 2.03 -11.96 -0.40
C VAL B 168 1.33 -10.66 -0.11
N THR B 169 0.02 -10.62 -0.30
CA THR B 169 -0.84 -9.51 0.12
C THR B 169 -0.88 -9.39 1.64
N GLU B 170 -1.19 -8.20 2.14
CA GLU B 170 -1.64 -8.07 3.54
C GLU B 170 -3.06 -8.63 3.65
N GLN B 171 -3.52 -8.76 4.88
CA GLN B 171 -4.84 -9.34 5.20
C GLN B 171 -5.95 -8.57 4.46
N ASP B 172 -6.75 -9.34 3.74
CA ASP B 172 -7.89 -8.85 2.91
C ASP B 172 -8.86 -8.01 3.73
N SER B 173 -9.29 -6.87 3.18
CA SER B 173 -10.16 -5.90 3.88
C SER B 173 -11.57 -6.45 4.12
N LYS B 174 -12.00 -7.49 3.39
CA LYS B 174 -13.35 -8.09 3.50
C LYS B 174 -13.32 -9.40 4.31
N ASP B 175 -12.31 -10.27 4.13
CA ASP B 175 -12.37 -11.64 4.72
C ASP B 175 -11.10 -12.01 5.52
N SER B 176 -10.14 -11.12 5.63
CA SER B 176 -8.93 -11.26 6.50
C SER B 176 -7.98 -12.38 6.04
N THR B 177 -8.17 -12.90 4.82
CA THR B 177 -7.26 -13.88 4.21
C THR B 177 -6.05 -13.24 3.53
N TYR B 178 -5.09 -14.10 3.16
CA TYR B 178 -3.89 -13.80 2.37
C TYR B 178 -4.05 -14.39 0.98
N SER B 179 -3.38 -13.76 0.01
CA SER B 179 -3.14 -14.42 -1.30
C SER B 179 -1.65 -14.31 -1.61
N LEU B 180 -1.16 -15.19 -2.47
CA LEU B 180 0.29 -15.30 -2.76
C LEU B 180 0.49 -15.58 -4.24
N SER B 181 1.45 -14.90 -4.85
CA SER B 181 1.88 -15.08 -6.27
CA SER B 181 1.89 -15.06 -6.26
C SER B 181 3.32 -15.58 -6.28
N SER B 182 3.60 -16.62 -7.05
CA SER B 182 4.97 -17.12 -7.29
C SER B 182 5.25 -17.07 -8.79
N THR B 183 6.34 -16.42 -9.20
CA THR B 183 6.72 -16.29 -10.62
C THR B 183 8.01 -17.08 -10.87
N LEU B 184 7.95 -18.08 -11.76
CA LEU B 184 9.13 -18.82 -12.31
C LEU B 184 9.56 -18.10 -13.59
N THR B 185 10.80 -17.58 -13.65
CA THR B 185 11.35 -16.96 -14.88
C THR B 185 12.41 -17.88 -15.51
N LEU B 186 12.20 -18.25 -16.78
CA LEU B 186 13.12 -19.09 -17.61
C LEU B 186 13.38 -18.35 -18.91
N SER B 187 14.25 -18.88 -19.79
CA SER B 187 14.57 -18.25 -21.09
C SER B 187 13.80 -19.00 -22.18
N LYS B 188 13.33 -18.25 -23.19
CA LYS B 188 12.47 -18.81 -24.27
C LYS B 188 12.99 -20.22 -24.62
N ALA B 189 14.31 -20.37 -24.78
CA ALA B 189 14.99 -21.62 -25.20
C ALA B 189 14.66 -22.77 -24.23
N ASP B 190 14.98 -22.58 -22.94
CA ASP B 190 14.64 -23.53 -21.84
C ASP B 190 13.17 -23.94 -21.94
N TYR B 191 12.27 -22.96 -21.93
CA TYR B 191 10.79 -23.17 -21.88
C TYR B 191 10.36 -24.00 -23.10
N GLU B 192 10.95 -23.73 -24.27
CA GLU B 192 10.63 -24.45 -25.53
C GLU B 192 11.20 -25.88 -25.42
N LYS B 193 12.24 -26.09 -24.61
CA LYS B 193 12.94 -27.40 -24.44
C LYS B 193 12.07 -28.39 -23.64
N HIS B 194 11.27 -27.90 -22.70
CA HIS B 194 10.60 -28.73 -21.66
C HIS B 194 9.09 -28.76 -21.90
N LYS B 195 8.40 -29.75 -21.32
CA LYS B 195 6.96 -30.05 -21.56
C LYS B 195 6.10 -29.63 -20.36
N VAL B 196 6.28 -30.29 -19.20
CA VAL B 196 5.33 -30.27 -18.06
C VAL B 196 5.81 -29.23 -17.03
N TYR B 197 4.99 -28.20 -16.80
CA TYR B 197 5.24 -27.14 -15.80
C TYR B 197 4.21 -27.29 -14.68
N ALA B 198 4.71 -27.45 -13.45
CA ALA B 198 3.90 -27.77 -12.25
C ALA B 198 4.27 -26.87 -11.07
N CYS B 199 3.23 -26.43 -10.37
CA CYS B 199 3.31 -25.69 -9.10
C CYS B 199 2.74 -26.57 -7.99
N GLU B 200 3.53 -26.91 -6.96
CA GLU B 200 3.11 -27.80 -5.85
C GLU B 200 3.00 -26.99 -4.56
N VAL B 201 1.79 -26.96 -4.01
CA VAL B 201 1.42 -26.08 -2.87
C VAL B 201 1.19 -26.95 -1.64
N THR B 202 1.87 -26.61 -0.56
CA THR B 202 1.73 -27.17 0.80
C THR B 202 1.21 -26.07 1.73
N HIS B 203 0.14 -26.35 2.46
CA HIS B 203 -0.51 -25.40 3.40
C HIS B 203 -1.28 -26.19 4.44
N GLN B 204 -1.38 -25.68 5.66
CA GLN B 204 -1.90 -26.45 6.84
C GLN B 204 -3.40 -26.70 6.70
N GLY B 205 -4.10 -25.90 5.88
CA GLY B 205 -5.53 -26.05 5.52
C GLY B 205 -5.79 -27.21 4.58
N LEU B 206 -4.76 -27.75 3.94
CA LEU B 206 -4.88 -28.84 2.94
C LEU B 206 -4.53 -30.16 3.61
N SER B 207 -5.25 -31.24 3.34
CA SER B 207 -4.94 -32.53 4.00
C SER B 207 -3.71 -33.15 3.29
N SER B 208 -3.46 -32.83 2.02
CA SER B 208 -2.18 -33.15 1.33
C SER B 208 -1.87 -32.09 0.28
N PRO B 209 -0.63 -32.02 -0.25
CA PRO B 209 -0.25 -30.98 -1.20
C PRO B 209 -1.06 -31.03 -2.51
N VAL B 210 -1.34 -29.86 -3.08
CA VAL B 210 -2.09 -29.67 -4.35
C VAL B 210 -1.07 -29.30 -5.42
N THR B 211 -1.12 -29.98 -6.58
CA THR B 211 -0.33 -29.62 -7.77
C THR B 211 -1.25 -29.12 -8.89
N LYS B 212 -0.94 -27.95 -9.46
CA LYS B 212 -1.50 -27.50 -10.76
C LYS B 212 -0.35 -27.56 -11.77
N SER B 213 -0.61 -28.09 -12.95
CA SER B 213 0.42 -28.26 -14.00
C SER B 213 -0.22 -28.03 -15.37
N PHE B 214 0.60 -27.71 -16.37
CA PHE B 214 0.21 -27.72 -17.80
C PHE B 214 1.36 -28.30 -18.61
N ASN B 215 1.02 -28.82 -19.78
CA ASN B 215 1.97 -29.26 -20.83
C ASN B 215 2.02 -28.12 -21.84
N ARG B 216 3.22 -27.61 -22.13
CA ARG B 216 3.43 -26.55 -23.16
C ARG B 216 2.79 -27.02 -24.48
N GLY B 217 2.11 -26.12 -25.19
CA GLY B 217 1.53 -26.37 -26.52
C GLY B 217 0.13 -26.96 -26.43
N GLU B 218 -0.09 -27.88 -25.48
CA GLU B 218 -1.41 -28.55 -25.29
C GLU B 218 -2.32 -27.57 -24.53
N CYS B 219 -3.19 -26.87 -25.27
CA CYS B 219 -4.12 -25.83 -24.76
C CYS B 219 -5.38 -26.48 -24.17
C5 P0M C . -4.36 23.60 17.97
C6 P0M C . -4.69 22.41 18.65
C7 P0M C . -4.43 21.18 18.05
C8 P0M C . -3.84 21.08 16.80
O1 P0M C . -2.95 22.17 14.87
O2 P0M C . -2.13 23.09 13.02
C3 P0M C . -2.83 24.56 14.68
C2 P0M C . -2.63 23.26 14.12
O P0M C . -0.59 26.88 16.39
N P0M C . -2.68 27.78 18.12
C P0M C . -1.22 26.09 17.14
CG P0M C . -3.41 24.73 15.90
CB P0M C . -3.65 26.12 16.53
CA P0M C . -2.59 26.37 17.62
OXT P0M C . -0.70 25.01 17.53
C8A P0M C . -3.54 22.24 16.06
O3 P0M C . -4.79 20.05 18.75
C4A P0M C . -3.77 23.55 16.73
C1 GOL D . 0.02 23.68 20.27
O1 GOL D . -1.39 23.92 20.18
C2 GOL D . 0.65 24.45 21.40
O2 GOL D . 0.28 25.83 21.29
C3 GOL D . 2.16 24.33 21.46
O3 GOL D . 2.81 25.58 21.30
#